data_7HOS
#
_entry.id   7HOS
#
_cell.length_a   42.447
_cell.length_b   42.447
_cell.length_c   216.891
_cell.angle_alpha   90.00
_cell.angle_beta   90.00
_cell.angle_gamma   90.00
#
_symmetry.space_group_name_H-M   'P 43 2 2'
#
loop_
_entity.id
_entity.type
_entity.pdbx_description
1 polymer 'Serine protease subunit NS2B'
2 polymer 'Serine protease NS3'
3 non-polymer 'DIMETHYL SULFOXIDE'
4 non-polymer 5-cyclopropyl-1,2-dimethyl-N-(3-methylpyridin-4-yl)-1H-pyrrole-3-carboxamide
5 non-polymer 'SULFATE ION'
6 water water
#
loop_
_entity_poly.entity_id
_entity_poly.type
_entity_poly.pdbx_seq_one_letter_code
_entity_poly.pdbx_strand_id
1 'polypeptide(L)' SMGKSVDMYIERAGDITWEKDAEVTGNSPRLDVALDESGDFSLVEE A
2 'polypeptide(L)'
;MKEVKKGETTDGVYRVMTRRLLGSTQVGVGVMQEGVFHTMWHVTKGAALRSGEGRLDPYWGDVKQDLVSYCGPWKLDAAW
DGLSEVQLLAVPPGERAKNIQTLPGIFKTKDGDIGAVALDYPAGTSGSPILDKCGRVIGLYGNGVVIKNGSYVSAITQGK
REEETPVE
;
B
#
loop_
_chem_comp.id
_chem_comp.type
_chem_comp.name
_chem_comp.formula
A1BGY non-polymer 5-cyclopropyl-1,2-dimethyl-N-(3-methylpyridin-4-yl)-1H-pyrrole-3-carboxamide 'C16 H19 N3 O'
DMS non-polymer 'DIMETHYL SULFOXIDE' 'C2 H6 O S'
SO4 non-polymer 'SULFATE ION' 'O4 S -2'
#
# COMPACT_ATOMS: atom_id res chain seq x y z
N ASP A 7 8.21 15.82 11.22
CA ASP A 7 6.74 16.06 11.37
C ASP A 7 6.06 15.92 10.01
N MET A 8 5.11 15.01 9.94
CA MET A 8 4.71 14.45 8.64
C MET A 8 3.47 15.18 8.19
N TYR A 9 3.36 15.36 6.88
CA TYR A 9 2.19 16.00 6.25
C TYR A 9 1.84 15.21 5.00
N ILE A 10 0.60 15.33 4.54
CA ILE A 10 0.07 14.64 3.33
C ILE A 10 -0.24 15.66 2.20
N GLU A 11 -0.09 15.22 0.94
CA GLU A 11 -0.50 15.97 -0.29
C GLU A 11 -1.25 15.01 -1.23
N ARG A 12 -2.36 15.48 -1.80
CA ARG A 12 -3.18 14.66 -2.72
C ARG A 12 -2.34 14.35 -3.96
N ALA A 13 -2.47 13.14 -4.52
CA ALA A 13 -1.66 12.70 -5.68
C ALA A 13 -2.53 12.11 -6.78
N GLY A 14 -3.83 12.01 -6.59
CA GLY A 14 -4.74 11.59 -7.66
C GLY A 14 -6.02 11.03 -7.10
N ASP A 15 -6.97 10.75 -8.00
CA ASP A 15 -8.18 9.92 -7.80
C ASP A 15 -7.75 8.46 -7.76
N ILE A 16 -8.55 7.62 -7.12
CA ILE A 16 -8.32 6.14 -7.12
C ILE A 16 -9.30 5.59 -8.15
N THR A 17 -8.75 5.24 -9.33
N THR A 17 -8.79 5.23 -9.33
N THR A 17 -8.75 5.24 -9.33
N THR A 17 -8.79 5.23 -9.33
CA THR A 17 -9.50 4.83 -10.55
CA THR A 17 -9.59 4.81 -10.51
CA THR A 17 -9.50 4.83 -10.55
CA THR A 17 -9.59 4.81 -10.51
C THR A 17 -8.75 3.69 -11.25
C THR A 17 -8.81 3.75 -11.30
C THR A 17 -8.75 3.69 -11.25
C THR A 17 -8.81 3.75 -11.30
N TRP A 18 -9.51 2.71 -11.75
CA TRP A 18 -8.99 1.71 -12.70
C TRP A 18 -8.82 2.46 -14.02
N GLU A 19 -7.64 2.41 -14.63
N GLU A 19 -7.64 2.41 -14.63
N GLU A 19 -7.61 2.43 -14.57
N GLU A 19 -7.61 2.43 -14.57
CA GLU A 19 -7.34 3.07 -15.92
CA GLU A 19 -7.34 3.07 -15.92
CA GLU A 19 -7.25 2.98 -15.91
CA GLU A 19 -7.25 2.98 -15.91
C GLU A 19 -7.10 1.98 -16.99
C GLU A 19 -7.10 1.98 -16.99
C GLU A 19 -7.15 1.84 -16.94
C GLU A 19 -7.15 1.84 -16.94
N LYS A 20 -8.08 1.79 -17.89
CA LYS A 20 -7.98 0.83 -19.03
C LYS A 20 -6.76 1.17 -19.87
N ASP A 21 -6.02 0.15 -20.31
CA ASP A 21 -4.75 0.34 -21.06
C ASP A 21 -3.79 1.12 -20.14
N ALA A 22 -3.43 0.52 -19.00
CA ALA A 22 -2.24 0.85 -18.18
C ALA A 22 -1.13 -0.11 -18.60
N GLU A 23 0.12 0.25 -18.35
CA GLU A 23 1.28 -0.66 -18.52
C GLU A 23 1.00 -1.94 -17.73
N VAL A 24 1.00 -3.09 -18.42
CA VAL A 24 0.83 -4.45 -17.82
C VAL A 24 2.23 -5.04 -17.62
N THR A 25 2.57 -5.51 -16.42
CA THR A 25 3.93 -6.04 -16.12
C THR A 25 3.88 -6.88 -14.83
N GLY A 26 5.03 -7.37 -14.37
CA GLY A 26 5.19 -8.22 -13.16
C GLY A 26 4.76 -9.67 -13.37
N ASN A 27 5.37 -10.59 -12.62
CA ASN A 27 5.00 -12.03 -12.59
C ASN A 27 4.04 -12.32 -11.40
N SER A 28 3.69 -13.59 -11.17
CA SER A 28 2.69 -14.09 -10.18
C SER A 28 3.27 -15.24 -9.37
N PRO A 29 4.32 -15.02 -8.56
CA PRO A 29 5.00 -16.10 -7.85
C PRO A 29 4.22 -16.62 -6.62
N ARG A 30 4.20 -17.94 -6.46
CA ARG A 30 3.63 -18.67 -5.28
C ARG A 30 4.76 -18.90 -4.26
N LEU A 31 4.81 -18.17 -3.16
CA LEU A 31 5.92 -18.21 -2.16
C LEU A 31 5.40 -18.69 -0.80
N ASP A 32 6.16 -19.57 -0.13
CA ASP A 32 5.94 -19.97 1.28
C ASP A 32 6.61 -18.96 2.19
N VAL A 33 5.82 -18.32 3.05
CA VAL A 33 6.31 -17.17 3.88
C VAL A 33 5.79 -17.35 5.30
N ALA A 34 6.51 -16.77 6.26
CA ALA A 34 6.11 -16.66 7.68
C ALA A 34 6.02 -15.19 8.05
N LEU A 35 5.07 -14.85 8.90
CA LEU A 35 4.82 -13.48 9.40
C LEU A 35 5.16 -13.48 10.89
N ASP A 36 6.12 -12.67 11.32
CA ASP A 36 6.56 -12.64 12.75
C ASP A 36 5.75 -11.57 13.50
N GLU A 37 5.96 -11.49 14.81
CA GLU A 37 5.17 -10.62 15.72
C GLU A 37 5.43 -9.13 15.39
N SER A 38 6.58 -8.79 14.79
CA SER A 38 6.95 -7.42 14.34
C SER A 38 6.33 -7.07 12.99
N GLY A 39 5.53 -7.97 12.41
CA GLY A 39 4.91 -7.78 11.09
C GLY A 39 5.92 -7.86 9.96
N ASP A 40 7.04 -8.56 10.15
CA ASP A 40 8.05 -8.80 9.08
C ASP A 40 7.78 -10.19 8.46
N PHE A 41 7.57 -10.24 7.15
CA PHE A 41 7.48 -11.50 6.35
C PHE A 41 8.87 -12.08 6.13
N SER A 42 9.00 -13.42 6.10
CA SER A 42 10.26 -14.09 5.72
C SER A 42 9.96 -15.30 4.83
N LEU A 43 10.90 -15.68 3.96
CA LEU A 43 10.76 -16.90 3.11
C LEU A 43 11.03 -18.14 3.97
N VAL A 44 10.04 -19.02 4.05
CA VAL A 44 10.18 -20.42 4.57
C VAL A 44 10.75 -21.26 3.42
N GLU A 45 11.73 -22.11 3.70
CA GLU A 45 12.40 -22.93 2.65
C GLU A 45 12.61 -24.36 3.15
N GLY B 7 -8.23 20.68 7.03
CA GLY B 7 -7.39 19.87 6.10
C GLY B 7 -8.16 19.30 4.91
N GLU B 8 -7.45 18.91 3.85
CA GLU B 8 -8.01 18.22 2.66
C GLU B 8 -8.54 16.84 3.08
N THR B 9 -9.83 16.59 2.89
N THR B 9 -9.84 16.61 2.89
N THR B 9 -9.83 16.59 2.89
N THR B 9 -9.84 16.61 2.89
CA THR B 9 -10.50 15.32 3.26
CA THR B 9 -10.58 15.39 3.27
CA THR B 9 -10.50 15.32 3.26
CA THR B 9 -10.58 15.39 3.27
C THR B 9 -11.14 14.68 2.02
C THR B 9 -11.06 14.64 2.01
C THR B 9 -11.14 14.68 2.02
C THR B 9 -11.06 14.64 2.01
N THR B 10 -10.85 15.21 0.83
CA THR B 10 -11.37 14.64 -0.45
C THR B 10 -10.82 13.23 -0.58
N ASP B 11 -11.68 12.25 -0.88
CA ASP B 11 -11.25 10.87 -1.21
C ASP B 11 -10.13 10.94 -2.25
N GLY B 12 -9.20 9.97 -2.20
CA GLY B 12 -8.12 9.81 -3.20
C GLY B 12 -6.87 9.27 -2.58
N VAL B 13 -5.77 9.36 -3.32
CA VAL B 13 -4.42 8.90 -2.88
C VAL B 13 -3.56 10.11 -2.57
N TYR B 14 -2.75 9.97 -1.53
CA TYR B 14 -1.92 11.08 -0.98
C TYR B 14 -0.52 10.57 -0.74
N ARG B 15 0.44 11.45 -0.93
CA ARG B 15 1.83 11.23 -0.47
C ARG B 15 1.92 11.59 1.01
N VAL B 16 2.70 10.81 1.76
CA VAL B 16 3.12 11.11 3.15
C VAL B 16 4.56 11.61 3.11
N MET B 17 4.79 12.85 3.55
CA MET B 17 6.07 13.59 3.44
C MET B 17 6.59 13.91 4.84
N THR B 18 7.90 14.08 4.98
CA THR B 18 8.55 14.63 6.20
C THR B 18 9.54 15.73 5.77
N ARG B 19 9.81 16.69 6.66
CA ARG B 19 10.93 17.67 6.52
C ARG B 19 12.02 17.43 7.57
N ARG B 20 11.94 16.33 8.31
CA ARG B 20 12.86 16.06 9.45
C ARG B 20 14.22 15.61 8.91
N LEU B 21 14.32 15.48 7.58
CA LEU B 21 15.54 15.06 6.85
C LEU B 21 15.94 16.16 5.84
N LEU B 22 16.86 15.87 4.91
CA LEU B 22 17.26 16.83 3.84
C LEU B 22 16.08 17.11 2.92
N GLY B 23 15.85 18.37 2.53
CA GLY B 23 14.68 18.78 1.72
C GLY B 23 13.37 18.20 2.25
N SER B 24 12.42 17.97 1.35
CA SER B 24 11.10 17.34 1.62
C SER B 24 11.11 15.92 1.07
N THR B 25 11.06 14.91 1.95
CA THR B 25 11.26 13.47 1.65
C THR B 25 9.92 12.71 1.72
N GLN B 26 9.58 11.96 0.68
CA GLN B 26 8.37 11.08 0.68
C GLN B 26 8.73 9.80 1.44
N VAL B 27 8.03 9.52 2.54
CA VAL B 27 8.26 8.30 3.40
C VAL B 27 7.23 7.24 3.02
N GLY B 28 6.13 7.62 2.36
CA GLY B 28 5.12 6.67 1.90
C GLY B 28 3.91 7.35 1.29
N VAL B 29 2.80 6.62 1.26
CA VAL B 29 1.56 6.90 0.49
C VAL B 29 0.39 6.47 1.37
N GLY B 30 -0.82 6.96 1.10
CA GLY B 30 -2.04 6.51 1.77
C GLY B 30 -3.27 6.82 0.98
N VAL B 31 -4.41 6.39 1.50
CA VAL B 31 -5.77 6.44 0.90
C VAL B 31 -6.69 7.18 1.85
N MET B 32 -7.35 8.24 1.35
CA MET B 32 -8.45 8.93 2.04
C MET B 32 -9.78 8.37 1.51
N GLN B 33 -10.61 7.84 2.40
CA GLN B 33 -11.92 7.29 2.02
C GLN B 33 -12.84 7.47 3.20
N GLU B 34 -14.03 8.01 2.96
CA GLU B 34 -15.04 8.32 3.99
C GLU B 34 -14.41 9.08 5.16
N GLY B 35 -13.49 10.03 4.92
CA GLY B 35 -12.90 10.93 5.93
C GLY B 35 -11.87 10.24 6.80
N VAL B 36 -11.45 9.03 6.43
CA VAL B 36 -10.41 8.27 7.15
C VAL B 36 -9.18 8.11 6.25
N PHE B 37 -8.01 8.39 6.79
CA PHE B 37 -6.71 8.19 6.11
C PHE B 37 -6.11 6.85 6.51
N HIS B 38 -5.79 6.06 5.50
CA HIS B 38 -5.33 4.64 5.63
C HIS B 38 -3.90 4.52 5.13
N THR B 39 -2.97 4.07 5.96
CA THR B 39 -1.59 3.84 5.48
C THR B 39 -1.02 2.59 6.15
N MET B 40 0.26 2.32 5.90
CA MET B 40 0.99 1.20 6.55
C MET B 40 1.67 1.75 7.78
N TRP B 41 1.75 0.94 8.84
N TRP B 41 1.74 0.95 8.85
N TRP B 41 1.75 0.94 8.84
N TRP B 41 1.74 0.95 8.85
CA TRP B 41 2.31 1.34 10.15
CA TRP B 41 2.31 1.38 10.16
CA TRP B 41 2.31 1.34 10.15
CA TRP B 41 2.31 1.38 10.16
C TRP B 41 3.78 1.77 9.99
C TRP B 41 3.78 1.79 9.98
C TRP B 41 3.78 1.77 9.98
C TRP B 41 3.78 1.79 9.97
N HIS B 42 4.55 1.07 9.16
CA HIS B 42 6.01 1.35 8.99
C HIS B 42 6.22 2.73 8.32
N VAL B 43 5.22 3.34 7.71
CA VAL B 43 5.36 4.68 7.06
C VAL B 43 5.38 5.79 8.14
N THR B 44 4.39 5.79 9.05
CA THR B 44 4.16 6.86 10.06
C THR B 44 4.71 6.49 11.43
N LYS B 45 4.85 5.19 11.73
CA LYS B 45 5.10 4.63 13.10
C LYS B 45 4.01 5.11 14.09
N GLY B 46 2.80 5.41 13.64
CA GLY B 46 1.70 5.83 14.53
C GLY B 46 1.71 7.32 14.86
N ALA B 47 2.58 8.12 14.24
CA ALA B 47 2.71 9.57 14.49
C ALA B 47 1.51 10.32 13.89
N ALA B 48 1.15 11.48 14.44
CA ALA B 48 0.12 12.39 13.90
C ALA B 48 0.61 12.97 12.57
N LEU B 49 -0.33 13.43 11.77
CA LEU B 49 -0.09 13.96 10.41
C LEU B 49 -0.70 15.34 10.30
N ARG B 50 -0.14 16.14 9.42
CA ARG B 50 -0.68 17.46 9.07
C ARG B 50 -1.31 17.30 7.69
N SER B 51 -2.48 17.88 7.49
CA SER B 51 -3.09 18.17 6.18
C SER B 51 -3.34 19.68 6.09
N GLY B 52 -2.34 20.44 5.60
CA GLY B 52 -2.38 21.91 5.61
C GLY B 52 -2.20 22.44 7.01
N GLU B 53 -3.23 23.04 7.59
CA GLU B 53 -3.19 23.48 9.01
C GLU B 53 -3.99 22.50 9.88
N GLY B 54 -4.75 21.58 9.28
CA GLY B 54 -5.49 20.52 9.98
C GLY B 54 -4.57 19.42 10.48
N ARG B 55 -4.91 18.81 11.62
CA ARG B 55 -4.15 17.70 12.26
C ARG B 55 -4.90 16.37 12.12
N LEU B 56 -4.24 15.31 11.68
CA LEU B 56 -4.85 13.95 11.62
C LEU B 56 -4.27 13.16 12.78
N ASP B 57 -5.10 12.63 13.68
CA ASP B 57 -4.62 11.78 14.80
C ASP B 57 -4.90 10.31 14.51
N PRO B 58 -3.99 9.39 14.92
CA PRO B 58 -4.21 7.95 14.73
C PRO B 58 -5.47 7.52 15.51
N TYR B 59 -6.19 6.55 14.98
CA TYR B 59 -7.43 6.03 15.57
C TYR B 59 -7.27 4.55 15.88
N TRP B 60 -6.70 3.80 14.94
CA TRP B 60 -6.52 2.33 15.01
C TRP B 60 -5.16 1.99 14.40
N GLY B 61 -4.47 1.02 14.97
CA GLY B 61 -3.17 0.59 14.46
C GLY B 61 -2.81 -0.79 14.95
N ASP B 62 -2.00 -1.49 14.18
CA ASP B 62 -1.56 -2.88 14.48
C ASP B 62 -0.25 -3.15 13.75
N VAL B 63 0.85 -3.26 14.49
CA VAL B 63 2.22 -3.45 13.94
C VAL B 63 2.27 -4.81 13.22
N LYS B 64 1.44 -5.79 13.60
CA LYS B 64 1.57 -7.13 12.97
C LYS B 64 0.91 -7.12 11.58
N GLN B 65 -0.26 -6.48 11.44
CA GLN B 65 -0.92 -6.23 10.14
C GLN B 65 -0.15 -5.19 9.30
N ASP B 66 0.68 -4.39 9.97
CA ASP B 66 1.44 -3.20 9.49
C ASP B 66 0.47 -2.22 8.86
N LEU B 67 -0.67 -1.96 9.52
CA LEU B 67 -1.73 -1.00 9.09
C LEU B 67 -1.99 0.05 10.19
N VAL B 68 -2.47 1.22 9.77
CA VAL B 68 -2.91 2.32 10.69
C VAL B 68 -3.95 3.18 9.97
N SER B 69 -4.94 3.65 10.72
CA SER B 69 -6.01 4.55 10.25
C SER B 69 -6.00 5.83 11.12
N TYR B 70 -6.35 6.95 10.48
CA TYR B 70 -6.46 8.31 11.05
C TYR B 70 -7.92 8.77 10.90
N CYS B 71 -8.44 9.33 12.00
CA CYS B 71 -9.70 10.12 12.08
C CYS B 71 -10.88 9.17 12.24
N GLY B 72 -10.66 7.87 12.14
CA GLY B 72 -11.78 6.93 12.22
C GLY B 72 -11.28 5.51 11.96
N PRO B 73 -12.17 4.52 12.12
CA PRO B 73 -11.77 3.12 11.96
C PRO B 73 -11.47 2.78 10.50
N TRP B 74 -10.69 1.74 10.26
CA TRP B 74 -10.37 1.20 8.90
C TRP B 74 -11.65 1.04 8.08
N LYS B 75 -11.73 1.63 6.87
CA LYS B 75 -12.97 1.63 6.03
C LYS B 75 -12.92 0.64 4.85
N LEU B 76 -11.74 0.13 4.47
CA LEU B 76 -11.49 -0.57 3.19
C LEU B 76 -11.67 -2.08 3.38
N ASP B 77 -12.65 -2.68 2.69
CA ASP B 77 -13.01 -4.11 2.95
C ASP B 77 -13.06 -4.91 1.65
N ALA B 78 -12.83 -4.32 0.48
CA ALA B 78 -12.75 -5.09 -0.78
C ALA B 78 -11.61 -6.12 -0.67
N ALA B 79 -11.80 -7.27 -1.34
CA ALA B 79 -10.86 -8.42 -1.35
C ALA B 79 -10.48 -8.77 -2.79
N TRP B 80 -9.21 -9.07 -3.05
CA TRP B 80 -8.74 -9.77 -4.28
C TRP B 80 -9.59 -11.01 -4.47
N ASP B 81 -10.10 -11.25 -5.68
CA ASP B 81 -11.07 -12.35 -5.95
C ASP B 81 -10.29 -13.66 -6.13
N GLY B 82 -8.97 -13.59 -6.23
CA GLY B 82 -8.06 -14.76 -6.34
C GLY B 82 -7.88 -15.19 -7.78
N LEU B 83 -8.42 -14.44 -8.76
CA LEU B 83 -8.50 -14.79 -10.21
C LEU B 83 -8.04 -13.64 -11.11
N SER B 84 -8.60 -12.42 -10.93
CA SER B 84 -8.54 -11.30 -11.90
C SER B 84 -7.21 -10.55 -11.77
N GLU B 85 -6.80 -9.81 -12.80
CA GLU B 85 -5.63 -8.89 -12.70
C GLU B 85 -6.04 -7.72 -11.78
N VAL B 86 -5.05 -7.05 -11.20
CA VAL B 86 -5.23 -5.85 -10.33
C VAL B 86 -4.36 -4.73 -10.89
N GLN B 87 -4.53 -3.49 -10.39
CA GLN B 87 -3.58 -2.37 -10.63
C GLN B 87 -3.03 -1.84 -9.31
N LEU B 88 -1.70 -1.77 -9.21
CA LEU B 88 -0.94 -0.93 -8.25
C LEU B 88 -0.98 0.52 -8.76
N LEU B 89 -1.66 1.38 -8.03
CA LEU B 89 -1.61 2.85 -8.24
C LEU B 89 -0.37 3.33 -7.49
N ALA B 90 0.80 3.14 -8.11
CA ALA B 90 2.09 3.56 -7.56
C ALA B 90 2.11 5.09 -7.53
N VAL B 91 2.58 5.63 -6.40
CA VAL B 91 2.93 7.06 -6.22
C VAL B 91 4.38 7.10 -5.76
N PRO B 92 5.32 6.98 -6.72
CA PRO B 92 6.74 7.06 -6.41
C PRO B 92 7.19 8.45 -5.99
N PRO B 93 8.26 8.58 -5.17
CA PRO B 93 8.77 9.88 -4.76
C PRO B 93 9.23 10.73 -5.96
N GLY B 94 8.77 11.98 -6.04
CA GLY B 94 9.05 12.92 -7.14
C GLY B 94 8.24 12.65 -8.42
N GLU B 95 7.49 11.57 -8.52
CA GLU B 95 6.96 11.10 -9.81
C GLU B 95 5.44 11.04 -9.72
N ARG B 96 4.76 11.16 -10.85
CA ARG B 96 3.27 11.23 -10.90
C ARG B 96 2.68 9.87 -10.58
N ALA B 97 1.49 9.85 -9.98
CA ALA B 97 0.67 8.63 -9.81
C ALA B 97 0.70 7.88 -11.14
N LYS B 98 0.95 6.58 -11.12
CA LYS B 98 0.91 5.70 -12.33
C LYS B 98 0.24 4.37 -11.95
N ASN B 99 -0.80 3.96 -12.70
CA ASN B 99 -1.40 2.61 -12.61
C ASN B 99 -0.45 1.61 -13.30
N ILE B 100 -0.13 0.50 -12.64
CA ILE B 100 0.57 -0.68 -13.22
C ILE B 100 -0.33 -1.89 -13.03
N GLN B 101 -0.70 -2.57 -14.13
CA GLN B 101 -1.63 -3.72 -14.08
C GLN B 101 -0.81 -5.02 -14.00
N THR B 102 -1.29 -6.00 -13.23
CA THR B 102 -0.52 -7.21 -12.85
C THR B 102 -1.49 -8.27 -12.36
N LEU B 103 -1.11 -9.54 -12.51
CA LEU B 103 -1.79 -10.71 -11.89
C LEU B 103 -1.00 -11.05 -10.63
N PRO B 104 -1.62 -10.95 -9.44
CA PRO B 104 -0.91 -11.24 -8.21
C PRO B 104 -0.57 -12.73 -8.14
N GLY B 105 0.61 -13.02 -7.59
CA GLY B 105 0.97 -14.33 -7.02
C GLY B 105 0.29 -14.52 -5.67
N ILE B 106 0.85 -15.39 -4.84
CA ILE B 106 0.21 -15.86 -3.59
C ILE B 106 1.29 -16.11 -2.53
N PHE B 107 1.18 -15.43 -1.39
CA PHE B 107 1.91 -15.74 -0.14
C PHE B 107 1.15 -16.87 0.54
N LYS B 108 1.80 -18.03 0.72
CA LYS B 108 1.23 -19.18 1.48
C LYS B 108 1.76 -19.12 2.93
N THR B 109 0.87 -18.92 3.91
CA THR B 109 1.22 -18.90 5.36
C THR B 109 0.39 -19.93 6.13
N LYS B 110 0.84 -20.28 7.33
CA LYS B 110 0.14 -21.20 8.26
C LYS B 110 -1.29 -20.70 8.52
N ASP B 111 -1.56 -19.39 8.40
CA ASP B 111 -2.87 -18.81 8.77
C ASP B 111 -3.72 -18.55 7.52
N GLY B 112 -3.22 -18.89 6.33
CA GLY B 112 -3.97 -18.74 5.07
C GLY B 112 -3.13 -18.10 3.99
N ASP B 113 -3.69 -18.04 2.78
CA ASP B 113 -3.03 -17.48 1.57
C ASP B 113 -3.40 -16.00 1.41
N ILE B 114 -2.46 -15.22 0.89
CA ILE B 114 -2.63 -13.76 0.63
C ILE B 114 -2.16 -13.49 -0.79
N GLY B 115 -2.87 -12.64 -1.54
CA GLY B 115 -2.35 -12.00 -2.77
C GLY B 115 -0.96 -11.45 -2.53
N ALA B 116 -0.14 -11.45 -3.58
CA ALA B 116 1.18 -10.79 -3.59
C ALA B 116 1.41 -10.17 -4.97
N VAL B 117 2.06 -9.01 -5.01
N VAL B 117 2.09 -9.02 -4.99
N VAL B 117 2.06 -9.01 -5.01
N VAL B 117 2.09 -9.02 -4.99
CA VAL B 117 2.41 -8.29 -6.28
CA VAL B 117 2.43 -8.23 -6.21
CA VAL B 117 2.41 -8.29 -6.28
CA VAL B 117 2.44 -8.22 -6.20
C VAL B 117 3.93 -8.16 -6.36
C VAL B 117 3.96 -8.17 -6.33
C VAL B 117 3.93 -8.16 -6.36
C VAL B 117 3.96 -8.17 -6.33
N ALA B 118 4.51 -8.52 -7.50
CA ALA B 118 5.97 -8.49 -7.76
C ALA B 118 6.31 -7.33 -8.70
N LEU B 119 6.27 -6.10 -8.16
CA LEU B 119 6.70 -4.89 -8.89
C LEU B 119 7.72 -4.21 -8.00
N ASP B 120 8.87 -3.84 -8.56
CA ASP B 120 9.93 -3.06 -7.88
C ASP B 120 9.47 -1.60 -7.83
N TYR B 121 9.42 -0.99 -6.66
CA TYR B 121 9.36 0.48 -6.50
C TYR B 121 10.15 0.84 -5.26
N PRO B 122 10.62 2.09 -5.09
CA PRO B 122 11.34 2.46 -3.88
C PRO B 122 10.41 2.29 -2.65
N ALA B 123 11.00 2.27 -1.46
CA ALA B 123 10.29 2.00 -0.19
C ALA B 123 9.31 3.16 0.09
N GLY B 124 9.63 4.36 -0.41
CA GLY B 124 8.80 5.57 -0.33
C GLY B 124 7.47 5.41 -1.04
N THR B 125 7.29 4.35 -1.84
CA THR B 125 6.01 4.01 -2.51
C THR B 125 5.07 3.24 -1.55
N SER B 126 5.56 2.77 -0.39
CA SER B 126 4.82 1.93 0.59
C SER B 126 3.50 2.62 0.95
N GLY B 127 2.37 1.91 0.91
CA GLY B 127 1.02 2.45 1.20
C GLY B 127 0.20 2.73 -0.04
N SER B 128 0.82 2.69 -1.23
CA SER B 128 0.08 2.85 -2.51
C SER B 128 -1.03 1.80 -2.55
N PRO B 129 -2.25 2.16 -2.98
CA PRO B 129 -3.35 1.22 -3.06
C PRO B 129 -3.23 0.27 -4.25
N ILE B 130 -3.68 -0.96 -4.04
CA ILE B 130 -3.93 -2.01 -5.08
C ILE B 130 -5.45 -2.00 -5.31
N LEU B 131 -5.89 -1.98 -6.57
CA LEU B 131 -7.32 -1.84 -6.97
C LEU B 131 -7.81 -3.06 -7.74
N ASP B 132 -9.11 -3.31 -7.59
CA ASP B 132 -9.88 -4.26 -8.44
C ASP B 132 -10.47 -3.48 -9.62
N LYS B 133 -11.26 -4.16 -10.46
CA LYS B 133 -11.71 -3.66 -11.78
C LYS B 133 -12.75 -2.57 -11.56
N CYS B 134 -13.36 -2.53 -10.38
CA CYS B 134 -14.36 -1.51 -10.01
C CYS B 134 -13.73 -0.34 -9.25
N GLY B 135 -12.40 -0.24 -9.24
CA GLY B 135 -11.68 0.85 -8.56
C GLY B 135 -11.75 0.78 -7.04
N ARG B 136 -12.16 -0.36 -6.46
CA ARG B 136 -12.17 -0.57 -4.99
C ARG B 136 -10.76 -0.95 -4.52
N VAL B 137 -10.37 -0.40 -3.37
CA VAL B 137 -9.02 -0.64 -2.78
C VAL B 137 -9.11 -2.01 -2.10
N ILE B 138 -8.32 -2.97 -2.58
CA ILE B 138 -8.27 -4.37 -2.06
C ILE B 138 -7.09 -4.51 -1.11
N GLY B 139 -6.32 -3.44 -0.90
CA GLY B 139 -5.24 -3.43 0.12
C GLY B 139 -4.08 -2.58 -0.32
N LEU B 140 -3.02 -2.56 0.45
CA LEU B 140 -1.90 -1.62 0.26
C LEU B 140 -0.61 -2.40 -0.01
N TYR B 141 0.27 -1.71 -0.72
CA TYR B 141 1.55 -2.21 -1.23
C TYR B 141 2.65 -1.70 -0.31
N GLY B 142 3.59 -2.54 0.09
CA GLY B 142 4.80 -2.07 0.80
C GLY B 142 5.27 -2.99 1.90
N ASN B 143 4.51 -4.05 2.23
CA ASN B 143 5.02 -5.07 3.20
C ASN B 143 5.10 -6.45 2.53
N GLY B 144 6.30 -6.98 2.42
CA GLY B 144 6.50 -8.24 1.71
C GLY B 144 7.88 -8.77 1.98
N VAL B 145 8.50 -9.39 0.96
N VAL B 145 8.50 -9.39 0.96
N VAL B 145 8.49 -9.39 0.97
N VAL B 145 8.48 -9.38 0.95
CA VAL B 145 9.72 -10.22 1.13
CA VAL B 145 9.72 -10.22 1.13
CA VAL B 145 9.72 -10.22 1.13
CA VAL B 145 9.69 -10.25 1.05
C VAL B 145 10.67 -10.01 -0.06
C VAL B 145 10.67 -10.01 -0.06
C VAL B 145 10.67 -10.01 -0.06
C VAL B 145 10.68 -9.87 -0.06
N VAL B 146 11.98 -10.11 0.20
CA VAL B 146 13.05 -10.06 -0.84
C VAL B 146 13.28 -11.50 -1.33
N ILE B 147 13.42 -11.71 -2.64
CA ILE B 147 13.42 -13.08 -3.25
C ILE B 147 14.81 -13.35 -3.82
N LYS B 148 15.04 -14.56 -4.35
CA LYS B 148 16.38 -15.04 -4.81
C LYS B 148 17.02 -13.99 -5.73
N ASN B 149 16.24 -13.45 -6.68
CA ASN B 149 16.66 -12.43 -7.68
C ASN B 149 17.38 -11.27 -6.99
N GLY B 150 16.85 -10.83 -5.83
CA GLY B 150 17.17 -9.55 -5.17
C GLY B 150 15.97 -8.59 -5.18
N SER B 151 14.94 -8.94 -5.97
N SER B 151 14.94 -8.92 -5.97
N SER B 151 14.94 -8.93 -5.97
N SER B 151 14.94 -8.92 -5.97
CA SER B 151 13.70 -8.14 -6.18
CA SER B 151 13.71 -8.11 -6.18
CA SER B 151 13.69 -8.14 -6.18
CA SER B 151 13.70 -8.11 -6.17
C SER B 151 12.83 -8.16 -4.91
C SER B 151 12.76 -8.27 -4.99
C SER B 151 12.83 -8.16 -4.90
C SER B 151 12.76 -8.27 -4.97
N TYR B 152 11.69 -7.47 -4.98
N TYR B 152 11.69 -7.47 -4.99
N TYR B 152 11.71 -7.42 -4.90
N TYR B 152 11.71 -7.41 -4.89
CA TYR B 152 10.71 -7.31 -3.88
CA TYR B 152 10.71 -7.31 -3.88
CA TYR B 152 10.73 -7.35 -3.78
CA TYR B 152 10.73 -7.35 -3.78
C TYR B 152 9.34 -7.86 -4.32
C TYR B 152 9.34 -7.86 -4.32
C TYR B 152 9.36 -7.82 -4.26
C TYR B 152 9.36 -7.82 -4.26
N VAL B 153 8.67 -8.56 -3.39
CA VAL B 153 7.27 -9.04 -3.60
C VAL B 153 6.48 -8.55 -2.38
N SER B 154 5.44 -7.75 -2.60
CA SER B 154 4.58 -7.16 -1.55
C SER B 154 3.34 -8.03 -1.38
N ALA B 155 2.95 -8.29 -0.14
CA ALA B 155 1.59 -8.75 0.16
C ALA B 155 0.64 -7.68 -0.35
N ILE B 156 -0.53 -8.13 -0.76
CA ILE B 156 -1.76 -7.31 -0.78
C ILE B 156 -2.27 -7.23 0.67
N THR B 157 -1.90 -6.19 1.43
CA THR B 157 -2.31 -6.05 2.86
C THR B 157 -3.66 -5.35 2.99
N GLN B 158 -4.65 -6.03 3.54
CA GLN B 158 -6.00 -5.49 3.74
C GLN B 158 -6.34 -5.54 5.23
N GLY B 159 -7.00 -4.51 5.73
CA GLY B 159 -7.49 -4.45 7.13
C GLY B 159 -8.85 -5.09 7.22
N LYS B 160 -9.48 -5.03 8.38
CA LYS B 160 -10.87 -5.50 8.64
C LYS B 160 -11.73 -4.26 8.94
N ARG B 161 -12.94 -4.19 8.39
CA ARG B 161 -13.98 -3.16 8.69
C ARG B 161 -14.96 -3.78 9.70
N GLU B 162 -15.42 -3.02 10.72
CA GLU B 162 -16.37 -3.49 11.78
C GLU B 162 -17.70 -2.75 11.63
S DMS C . 10.26 -1.44 -0.92
S DMS C . 10.26 -1.44 -0.92
O DMS C . 10.78 -2.80 -1.30
O DMS C . 10.78 -2.80 -1.30
C1 DMS C . 9.76 -1.56 0.77
C1 DMS C . 9.76 -1.56 0.77
C2 DMS C . 8.65 -1.31 -1.65
C2 DMS C . 8.65 -1.31 -1.65
S DMS D . 5.87 7.36 17.88
S DMS D . 5.87 7.36 17.88
O DMS D . 4.87 6.25 17.85
O DMS D . 4.87 6.25 17.85
C1 DMS D . 4.95 8.86 17.62
C1 DMS D . 4.95 8.86 17.62
C2 DMS D . 6.70 7.33 16.31
C2 DMS D . 6.70 7.33 16.31
S DMS E . 9.62 -3.97 3.54
S DMS E . 9.62 -3.97 3.54
O DMS E . 8.86 -5.25 3.34
O DMS E . 8.86 -5.25 3.34
C1 DMS E . 8.82 -3.14 4.89
C1 DMS E . 8.82 -3.14 4.89
C2 DMS E . 11.12 -4.42 4.39
C2 DMS E . 11.11 -4.42 4.40
N1 A1BGY F . 8.78 -2.95 7.98
N1 A1BGY F . 8.78 -2.95 7.98
N3 A1BGY F . 11.08 -2.04 -0.44
N3 A1BGY F . 11.08 -2.04 -0.44
C4 A1BGY F . 8.20 -3.70 7.04
C4 A1BGY F . 8.20 -3.70 7.04
C5 A1BGY F . 8.36 -3.50 5.69
C5 A1BGY F . 8.36 -3.50 5.69
C6 A1BGY F . 9.17 -2.47 5.26
C6 A1BGY F . 9.17 -2.47 5.26
C7 A1BGY F . 10.57 -2.36 3.21
C7 A1BGY F . 10.57 -2.36 3.21
C8 A1BGY F . 10.49 -2.17 1.75
C8 A1BGY F . 10.49 -2.17 1.75
C10 A1BGY F . 9.74 -1.73 -0.35
C10 A1BGY F . 9.74 -1.73 -0.34
C13 A1BGY F . 7.63 -0.78 -1.49
C13 A1BGY F . 7.63 -0.78 -1.49
C15 A1BGY F . 11.56 -2.32 0.86
C15 A1BGY F . 11.56 -2.32 0.86
C1 A1BGY F . 10.68 -0.51 5.83
C1 A1BGY F . 10.68 -0.51 5.83
C2 A1BGY F . 9.79 -1.67 6.22
C2 A1BGY F . 9.79 -1.67 6.22
C3 A1BGY F . 9.56 -1.94 7.56
C3 A1BGY F . 9.56 -1.94 7.56
N2 A1BGY F . 9.38 -2.23 3.89
N2 A1BGY F . 9.38 -2.23 3.89
O1 A1BGY F . 11.62 -2.65 3.77
O1 A1BGY F . 11.62 -2.65 3.77
C9 A1BGY F . 9.36 -1.80 0.97
C9 A1BGY F . 9.36 -1.80 0.97
C11 A1BGY F . 8.98 -1.41 -1.57
C11 A1BGY F . 8.98 -1.41 -1.57
C12 A1BGY F . 7.74 -2.19 -1.88
C12 A1BGY F . 7.74 -2.19 -1.88
C14 A1BGY F . 11.86 -2.08 -1.67
C14 A1BGY F . 11.86 -2.08 -1.67
C16 A1BGY F . 12.99 -2.69 1.08
C16 A1BGY F . 12.99 -2.69 1.08
S SO4 G . 4.95 7.95 17.68
S SO4 G . 4.95 7.95 17.68
O1 SO4 G . 6.04 7.66 16.78
O1 SO4 G . 6.04 7.66 16.78
O2 SO4 G . 5.38 7.77 19.04
O2 SO4 G . 5.38 7.77 19.04
O3 SO4 G . 4.52 9.31 17.49
O3 SO4 G . 4.52 9.31 17.49
O4 SO4 G . 3.85 7.05 17.41
O4 SO4 G . 3.85 7.05 17.41
#